data_4JIZ
#
_entry.id   4JIZ
#
_cell.length_a   34.490
_cell.length_b   59.600
_cell.length_c   53.420
_cell.angle_alpha   90.00
_cell.angle_beta   104.65
_cell.angle_gamma   90.00
#
_symmetry.space_group_name_H-M   'P 1 21 1'
#
loop_
_entity.id
_entity.type
_entity.pdbx_description
1 polymer 'MOB kinase activator 1A'
2 polymer phosphopeptide
3 non-polymer 'ZINC ION'
4 water water
#
loop_
_entity_poly.entity_id
_entity_poly.type
_entity_poly.pdbx_seq_one_letter_code
_entity_poly.pdbx_strand_id
1 'polypeptide(L)'
;NLRQAVMLPEGEDLNEWIAVNTVDFFNQINMLYGTITEFCTEASCPVMSAGPRYEYHWADGTNIKKPIKCSAPKYIDYLM
TWVQDQLDDETLFPSKIGVPFPKNFMSVAKTILKRLFRVYAHIYHQHFDSVMQLQEEAHLNTSFKHFIFFVQEFNLIDRR
ELAPLQELIEKL
;
A
2 'polypeptide(L)' YH(SEP)VVRYA B
#
# COMPACT_ATOMS: atom_id res chain seq x y z
N ASN A 1 -6.24 -0.05 -21.15
CA ASN A 1 -6.27 -1.46 -20.79
C ASN A 1 -5.24 -1.77 -19.70
N LEU A 2 -5.70 -1.82 -18.46
CA LEU A 2 -4.81 -2.02 -17.32
C LEU A 2 -4.15 -3.40 -17.30
N ARG A 3 -4.93 -4.45 -17.55
CA ARG A 3 -4.39 -5.80 -17.60
C ARG A 3 -3.17 -5.84 -18.52
N GLN A 4 -3.26 -5.08 -19.60
CA GLN A 4 -2.19 -4.99 -20.59
C GLN A 4 -1.02 -4.14 -20.09
N ALA A 5 -1.35 -3.01 -19.48
CA ALA A 5 -0.35 -2.02 -19.08
C ALA A 5 0.57 -2.49 -17.96
N VAL A 6 0.16 -3.51 -17.21
CA VAL A 6 0.93 -3.96 -16.06
C VAL A 6 1.91 -5.08 -16.41
N MET A 7 1.78 -5.65 -17.60
CA MET A 7 2.64 -6.74 -18.02
C MET A 7 4.07 -6.23 -18.22
N LEU A 8 5.04 -7.14 -18.14
CA LEU A 8 6.45 -6.79 -18.24
C LEU A 8 6.79 -6.42 -19.68
N PRO A 9 7.07 -5.12 -19.95
CA PRO A 9 7.25 -4.64 -21.32
C PRO A 9 8.40 -5.30 -22.06
N GLU A 10 8.53 -4.98 -23.35
CA GLU A 10 9.50 -5.63 -24.22
C GLU A 10 10.90 -5.63 -23.64
N GLY A 11 11.42 -6.82 -23.38
CA GLY A 11 12.78 -6.99 -22.88
C GLY A 11 13.11 -6.06 -21.72
N GLU A 12 12.21 -6.03 -20.74
CA GLU A 12 12.38 -5.16 -19.57
C GLU A 12 12.86 -5.97 -18.37
N ASP A 13 13.50 -5.30 -17.43
CA ASP A 13 13.99 -5.96 -16.21
C ASP A 13 12.93 -5.95 -15.12
N LEU A 14 12.54 -7.14 -14.67
CA LEU A 14 11.52 -7.29 -13.64
C LEU A 14 11.71 -6.31 -12.48
N ASN A 15 12.86 -6.38 -11.83
CA ASN A 15 13.15 -5.52 -10.68
C ASN A 15 12.87 -4.05 -10.98
N GLU A 16 13.28 -3.59 -12.15
CA GLU A 16 13.08 -2.18 -12.53
C GLU A 16 11.60 -1.87 -12.72
N TRP A 17 10.87 -2.80 -13.32
CA TRP A 17 9.45 -2.64 -13.57
C TRP A 17 8.70 -2.51 -12.24
N ILE A 18 8.94 -3.45 -11.33
CA ILE A 18 8.33 -3.42 -10.01
C ILE A 18 8.77 -2.19 -9.23
N ALA A 19 10.06 -1.87 -9.29
CA ALA A 19 10.57 -0.69 -8.63
C ALA A 19 9.84 0.55 -9.14
N VAL A 20 9.64 0.63 -10.44
CA VAL A 20 9.09 1.82 -11.07
C VAL A 20 7.59 2.00 -10.78
N ASN A 21 6.85 0.90 -10.72
CA ASN A 21 5.43 0.96 -10.42
C ASN A 21 5.18 1.15 -8.92
N THR A 22 6.05 0.58 -8.09
CA THR A 22 5.94 0.72 -6.65
C THR A 22 6.07 2.19 -6.26
N VAL A 23 7.04 2.88 -6.85
CA VAL A 23 7.22 4.31 -6.60
C VAL A 23 5.94 5.06 -6.95
N ASP A 24 5.34 4.70 -8.08
CA ASP A 24 4.14 5.38 -8.57
C ASP A 24 2.93 5.15 -7.67
N PHE A 25 2.77 3.92 -7.21
CA PHE A 25 1.65 3.58 -6.35
C PHE A 25 1.75 4.31 -5.02
N PHE A 26 2.95 4.31 -4.44
CA PHE A 26 3.18 5.08 -3.21
C PHE A 26 2.68 6.51 -3.40
N ASN A 27 3.04 7.11 -4.53
CA ASN A 27 2.63 8.47 -4.84
C ASN A 27 1.11 8.59 -4.98
N GLN A 28 0.50 7.68 -5.73
CA GLN A 28 -0.95 7.65 -5.86
C GLN A 28 -1.62 7.61 -4.49
N ILE A 29 -1.21 6.64 -3.68
CA ILE A 29 -1.82 6.42 -2.37
C ILE A 29 -1.60 7.62 -1.46
N ASN A 30 -0.39 8.18 -1.50
CA ASN A 30 -0.08 9.36 -0.73
C ASN A 30 -1.01 10.52 -1.11
N MET A 31 -1.16 10.73 -2.42
CA MET A 31 -2.10 11.74 -2.91
C MET A 31 -3.50 11.48 -2.37
N LEU A 32 -4.02 10.28 -2.64
CA LEU A 32 -5.40 9.94 -2.27
C LEU A 32 -5.69 10.06 -0.78
N TYR A 33 -4.79 9.55 0.08
CA TYR A 33 -5.00 9.68 1.51
C TYR A 33 -4.87 11.16 1.92
N GLY A 34 -3.92 11.86 1.29
CA GLY A 34 -3.75 13.28 1.50
C GLY A 34 -5.05 14.05 1.36
N THR A 35 -5.93 13.58 0.48
CA THR A 35 -7.17 14.31 0.20
C THR A 35 -8.22 14.16 1.29
N ILE A 36 -8.12 13.10 2.09
CA ILE A 36 -9.14 12.85 3.13
C ILE A 36 -8.59 12.92 4.56
N THR A 37 -7.39 13.46 4.72
CA THR A 37 -6.78 13.57 6.05
C THR A 37 -7.66 14.36 7.02
N GLU A 38 -8.31 15.40 6.52
CA GLU A 38 -9.18 16.23 7.35
C GLU A 38 -10.26 15.40 8.03
N PHE A 39 -10.57 14.24 7.46
CA PHE A 39 -11.62 13.38 7.99
C PHE A 39 -11.06 12.15 8.70
N CYS A 40 -9.78 11.86 8.50
CA CYS A 40 -9.12 10.78 9.22
C CYS A 40 -8.35 11.36 10.40
N THR A 41 -8.95 11.30 11.58
CA THR A 41 -8.38 11.90 12.78
C THR A 41 -8.22 10.85 13.87
N GLU A 42 -7.49 11.19 14.92
CA GLU A 42 -7.27 10.28 16.04
C GLU A 42 -8.61 9.96 16.70
N ALA A 43 -9.54 10.89 16.59
CA ALA A 43 -10.88 10.72 17.16
C ALA A 43 -11.72 9.75 16.34
N SER A 44 -11.68 9.89 15.02
CA SER A 44 -12.48 9.06 14.13
C SER A 44 -11.89 7.67 14.00
N CYS A 45 -10.56 7.59 13.99
CA CYS A 45 -9.87 6.33 13.74
C CYS A 45 -8.85 6.06 14.85
N PRO A 46 -9.35 5.66 16.04
CA PRO A 46 -8.54 5.50 17.26
C PRO A 46 -7.50 4.40 17.12
N VAL A 47 -7.87 3.33 16.42
CA VAL A 47 -6.91 2.29 16.07
C VAL A 47 -6.95 2.07 14.56
N MET A 48 -5.81 1.72 13.97
CA MET A 48 -5.74 1.46 12.53
C MET A 48 -6.50 0.18 12.20
N SER A 49 -7.40 0.27 11.23
CA SER A 49 -8.26 -0.87 10.90
C SER A 49 -8.70 -0.89 9.44
N ALA A 50 -9.10 -2.08 9.00
CA ALA A 50 -9.81 -2.24 7.73
C ALA A 50 -11.19 -2.79 8.06
N GLY A 51 -11.99 -1.98 8.74
CA GLY A 51 -13.23 -2.45 9.31
C GLY A 51 -12.95 -3.17 10.62
N PRO A 52 -14.01 -3.46 11.40
CA PRO A 52 -13.83 -4.07 12.71
C PRO A 52 -13.23 -5.48 12.69
N ARG A 53 -13.14 -6.10 11.51
CA ARG A 53 -12.59 -7.46 11.41
C ARG A 53 -11.07 -7.47 11.27
N TYR A 54 -10.49 -6.32 10.99
CA TYR A 54 -9.05 -6.23 10.78
C TYR A 54 -8.47 -5.00 11.47
N GLU A 55 -7.52 -5.24 12.37
CA GLU A 55 -6.86 -4.18 13.10
C GLU A 55 -5.36 -4.33 12.93
N TYR A 56 -4.69 -3.23 12.58
CA TYR A 56 -3.27 -3.28 12.25
C TYR A 56 -2.43 -2.56 13.31
N HIS A 57 -1.26 -3.13 13.58
CA HIS A 57 -0.33 -2.58 14.56
C HIS A 57 1.02 -2.35 13.88
N TRP A 58 1.60 -1.16 14.08
CA TRP A 58 2.80 -0.81 13.33
C TRP A 58 4.09 -1.45 13.83
N ALA A 59 4.80 -2.07 12.90
CA ALA A 59 6.16 -2.51 13.13
C ALA A 59 6.86 -2.54 11.77
N ASP A 60 8.13 -2.19 11.74
CA ASP A 60 8.88 -2.21 10.49
C ASP A 60 9.92 -3.34 10.48
N GLY A 61 9.98 -4.07 11.58
CA GLY A 61 10.83 -5.25 11.66
C GLY A 61 12.29 -4.98 11.90
N THR A 62 12.68 -3.71 11.95
CA THR A 62 14.06 -3.33 12.23
C THR A 62 14.13 -2.37 13.40
N ASN A 63 13.74 -1.12 13.17
CA ASN A 63 13.70 -0.13 14.24
C ASN A 63 12.65 -0.49 15.29
N ILE A 64 11.50 -0.94 14.82
CA ILE A 64 10.40 -1.35 15.70
C ILE A 64 9.97 -2.77 15.37
N LYS A 65 10.33 -3.71 16.23
CA LYS A 65 10.03 -5.11 16.00
C LYS A 65 8.76 -5.57 16.73
N LYS A 66 8.41 -4.87 17.81
CA LYS A 66 7.21 -5.17 18.57
C LYS A 66 6.09 -4.20 18.21
N PRO A 67 5.05 -4.69 17.50
CA PRO A 67 3.98 -3.84 16.98
C PRO A 67 3.37 -2.86 17.98
N ILE A 68 3.18 -1.62 17.52
CA ILE A 68 2.57 -0.58 18.33
C ILE A 68 1.11 -0.38 17.92
N LYS A 69 0.22 -0.45 18.90
CA LYS A 69 -1.19 -0.18 18.66
C LYS A 69 -1.39 1.34 18.62
N CYS A 70 -1.76 1.86 17.46
CA CYS A 70 -1.91 3.30 17.31
C CYS A 70 -3.05 3.67 16.36
N SER A 71 -3.40 4.95 16.35
CA SER A 71 -4.47 5.47 15.50
C SER A 71 -4.14 5.31 14.03
N ALA A 72 -5.12 5.54 13.17
CA ALA A 72 -4.93 5.43 11.72
C ALA A 72 -3.96 6.49 11.21
N PRO A 73 -4.21 7.77 11.54
CA PRO A 73 -3.30 8.80 11.04
C PRO A 73 -1.85 8.51 11.43
N LYS A 74 -1.67 8.04 12.66
CA LYS A 74 -0.34 7.75 13.18
C LYS A 74 0.27 6.53 12.49
N TYR A 75 -0.51 5.47 12.37
CA TYR A 75 -0.05 4.26 11.69
C TYR A 75 0.38 4.56 10.27
N ILE A 76 -0.42 5.37 9.58
CA ILE A 76 -0.16 5.68 8.17
C ILE A 76 1.05 6.62 8.05
N ASP A 77 1.21 7.53 8.99
CA ASP A 77 2.41 8.37 9.07
C ASP A 77 3.63 7.47 9.21
N TYR A 78 3.62 6.59 10.21
CA TYR A 78 4.66 5.59 10.37
C TYR A 78 4.96 4.93 9.03
N LEU A 79 3.90 4.49 8.36
CA LEU A 79 4.00 3.70 7.14
C LEU A 79 4.58 4.50 5.98
N MET A 80 4.06 5.71 5.77
CA MET A 80 4.45 6.51 4.61
C MET A 80 5.89 7.00 4.74
N THR A 81 6.27 7.43 5.94
CA THR A 81 7.66 7.81 6.21
C THR A 81 8.56 6.62 5.93
N TRP A 82 8.14 5.46 6.41
CA TRP A 82 8.91 4.24 6.25
C TRP A 82 9.13 3.88 4.78
N VAL A 83 8.07 3.95 3.97
CA VAL A 83 8.19 3.64 2.55
C VAL A 83 9.11 4.65 1.88
N GLN A 84 8.86 5.94 2.13
CA GLN A 84 9.70 7.00 1.61
C GLN A 84 11.17 6.67 1.83
N ASP A 85 11.54 6.40 3.09
CA ASP A 85 12.90 6.03 3.44
C ASP A 85 13.46 4.98 2.48
N GLN A 86 12.70 3.92 2.25
CA GLN A 86 13.17 2.82 1.42
C GLN A 86 13.43 3.31 -0.01
N LEU A 87 12.46 4.03 -0.55
CA LEU A 87 12.53 4.52 -1.92
C LEU A 87 13.71 5.48 -2.10
N ASP A 88 14.06 6.20 -1.03
CA ASP A 88 15.18 7.14 -1.08
C ASP A 88 16.52 6.42 -0.85
N ASP A 89 16.45 5.19 -0.34
CA ASP A 89 17.65 4.42 -0.07
C ASP A 89 18.27 3.93 -1.37
N GLU A 90 19.49 4.38 -1.65
CA GLU A 90 20.14 4.11 -2.93
C GLU A 90 20.61 2.66 -3.07
N THR A 91 20.85 1.99 -1.95
CA THR A 91 21.17 0.57 -1.97
C THR A 91 19.92 -0.26 -2.27
N LEU A 92 18.75 0.29 -1.92
CA LEU A 92 17.50 -0.41 -2.16
C LEU A 92 16.90 -0.04 -3.51
N PHE A 93 16.69 1.26 -3.73
CA PHE A 93 16.17 1.73 -5.00
C PHE A 93 17.18 2.59 -5.75
N PRO A 94 18.04 1.93 -6.53
CA PRO A 94 19.06 2.55 -7.39
C PRO A 94 18.49 3.48 -8.45
N SER A 95 18.89 4.74 -8.42
CA SER A 95 18.53 5.67 -9.49
C SER A 95 19.71 5.85 -10.44
N LYS A 96 20.89 5.45 -9.99
CA LYS A 96 22.09 5.50 -10.82
C LYS A 96 22.08 4.39 -11.86
N ILE A 97 23.12 4.35 -12.69
CA ILE A 97 23.33 3.26 -13.62
C ILE A 97 24.53 2.41 -13.20
N GLY A 98 24.73 2.33 -11.88
CA GLY A 98 25.85 1.58 -11.33
C GLY A 98 25.44 0.62 -10.23
N VAL A 99 24.44 0.99 -9.44
CA VAL A 99 23.96 0.14 -8.36
C VAL A 99 22.94 -0.85 -8.90
N PRO A 100 23.19 -2.16 -8.74
CA PRO A 100 22.15 -3.12 -9.08
C PRO A 100 21.16 -3.24 -7.94
N PHE A 101 20.04 -3.93 -8.16
CA PHE A 101 19.07 -4.14 -7.09
C PHE A 101 19.57 -5.23 -6.16
N PRO A 102 19.47 -5.00 -4.84
CA PRO A 102 19.95 -5.97 -3.86
C PRO A 102 19.37 -7.36 -4.08
N LYS A 103 20.04 -8.38 -3.58
CA LYS A 103 19.66 -9.77 -3.80
C LYS A 103 18.22 -10.00 -3.34
N ASN A 104 17.76 -9.18 -2.40
CA ASN A 104 16.46 -9.39 -1.76
C ASN A 104 15.39 -8.42 -2.22
N PHE A 105 15.68 -7.65 -3.26
CA PHE A 105 14.79 -6.56 -3.66
C PHE A 105 13.31 -6.95 -3.70
N MET A 106 13.02 -8.10 -4.31
CA MET A 106 11.63 -8.55 -4.45
C MET A 106 10.94 -8.58 -3.09
N SER A 107 11.62 -9.16 -2.10
CA SER A 107 11.06 -9.25 -0.75
C SER A 107 10.84 -7.86 -0.17
N VAL A 108 11.71 -6.92 -0.54
CA VAL A 108 11.61 -5.55 -0.06
C VAL A 108 10.37 -4.87 -0.64
N ALA A 109 10.19 -5.03 -1.94
CA ALA A 109 9.07 -4.40 -2.63
C ALA A 109 7.74 -5.00 -2.19
N LYS A 110 7.68 -6.33 -2.12
CA LYS A 110 6.47 -7.02 -1.67
C LYS A 110 6.01 -6.49 -0.31
N THR A 111 6.97 -6.20 0.56
CA THR A 111 6.66 -5.72 1.90
C THR A 111 6.05 -4.33 1.86
N ILE A 112 6.59 -3.48 0.99
CA ILE A 112 6.05 -2.15 0.78
C ILE A 112 4.64 -2.23 0.22
N LEU A 113 4.45 -3.07 -0.79
CA LEU A 113 3.14 -3.22 -1.42
C LEU A 113 2.12 -3.80 -0.46
N LYS A 114 2.53 -4.83 0.29
CA LYS A 114 1.69 -5.41 1.32
C LYS A 114 1.09 -4.34 2.23
N ARG A 115 1.93 -3.41 2.69
CA ARG A 115 1.51 -2.42 3.67
C ARG A 115 0.76 -1.24 3.02
N LEU A 116 1.12 -0.91 1.78
CA LEU A 116 0.42 0.13 1.05
C LEU A 116 -1.05 -0.24 0.85
N PHE A 117 -1.31 -1.53 0.66
CA PHE A 117 -2.68 -2.03 0.51
C PHE A 117 -3.55 -1.62 1.68
N ARG A 118 -2.97 -1.57 2.87
CA ARG A 118 -3.74 -1.32 4.09
C ARG A 118 -4.30 0.09 4.13
N VAL A 119 -3.64 1.01 3.43
CA VAL A 119 -4.15 2.38 3.34
C VAL A 119 -5.41 2.39 2.50
N TYR A 120 -5.38 1.70 1.36
CA TYR A 120 -6.58 1.50 0.55
C TYR A 120 -7.70 0.90 1.39
N ALA A 121 -7.37 -0.17 2.12
CA ALA A 121 -8.35 -0.89 2.90
C ALA A 121 -8.99 0.01 3.96
N HIS A 122 -8.18 0.83 4.61
CA HIS A 122 -8.70 1.75 5.62
C HIS A 122 -9.60 2.81 4.99
N ILE A 123 -9.21 3.30 3.82
CA ILE A 123 -9.99 4.33 3.13
C ILE A 123 -11.35 3.79 2.72
N TYR A 124 -11.35 2.64 2.04
CA TYR A 124 -12.59 2.03 1.56
C TYR A 124 -13.53 1.68 2.71
N HIS A 125 -12.99 1.09 3.77
CA HIS A 125 -13.81 0.65 4.91
C HIS A 125 -14.33 1.81 5.75
N GLN A 126 -13.51 2.84 5.93
CA GLN A 126 -13.80 3.85 6.95
C GLN A 126 -14.13 5.25 6.40
N HIS A 127 -13.75 5.53 5.16
CA HIS A 127 -13.89 6.90 4.65
C HIS A 127 -14.45 7.00 3.22
N PHE A 128 -15.16 5.99 2.75
CA PHE A 128 -15.66 6.04 1.39
C PHE A 128 -16.67 7.17 1.21
N ASP A 129 -17.44 7.45 2.26
CA ASP A 129 -18.42 8.53 2.20
C ASP A 129 -17.72 9.88 2.03
N SER A 130 -16.61 10.08 2.72
CA SER A 130 -15.81 11.29 2.55
C SER A 130 -15.26 11.35 1.13
N VAL A 131 -14.80 10.19 0.64
CA VAL A 131 -14.27 10.10 -0.72
C VAL A 131 -15.33 10.54 -1.73
N MET A 132 -16.57 10.14 -1.51
CA MET A 132 -17.67 10.55 -2.38
C MET A 132 -17.94 12.04 -2.19
N GLN A 133 -17.96 12.46 -0.94
CA GLN A 133 -18.11 13.87 -0.58
C GLN A 133 -17.17 14.76 -1.38
N LEU A 134 -15.91 14.33 -1.51
CA LEU A 134 -14.91 15.11 -2.26
C LEU A 134 -14.88 14.75 -3.74
N GLN A 135 -15.82 13.90 -4.16
CA GLN A 135 -15.88 13.46 -5.56
C GLN A 135 -14.54 12.97 -6.07
N GLU A 136 -13.94 12.03 -5.35
CA GLU A 136 -12.69 11.40 -5.79
C GLU A 136 -12.82 9.89 -5.83
N GLU A 137 -14.04 9.38 -5.90
CA GLU A 137 -14.25 7.94 -5.96
C GLU A 137 -13.66 7.35 -7.24
N ALA A 138 -13.80 8.08 -8.35
CA ALA A 138 -13.29 7.62 -9.64
C ALA A 138 -11.77 7.50 -9.58
N HIS A 139 -11.13 8.49 -8.97
CA HIS A 139 -9.69 8.49 -8.80
C HIS A 139 -9.28 7.30 -7.93
N LEU A 140 -9.97 7.14 -6.82
CA LEU A 140 -9.70 6.03 -5.89
C LEU A 140 -9.86 4.67 -6.56
N ASN A 141 -11.00 4.47 -7.24
CA ASN A 141 -11.31 3.18 -7.84
C ASN A 141 -10.32 2.78 -8.93
N THR A 142 -9.95 3.72 -9.79
CA THR A 142 -9.01 3.44 -10.87
C THR A 142 -7.62 3.15 -10.31
N SER A 143 -7.23 3.94 -9.30
CA SER A 143 -5.95 3.73 -8.64
C SER A 143 -5.89 2.33 -8.02
N PHE A 144 -6.90 1.98 -7.24
CA PHE A 144 -6.94 0.68 -6.58
C PHE A 144 -6.90 -0.45 -7.60
N LYS A 145 -7.69 -0.31 -8.66
CA LYS A 145 -7.78 -1.33 -9.69
C LYS A 145 -6.44 -1.55 -10.36
N HIS A 146 -5.75 -0.44 -10.64
CA HIS A 146 -4.40 -0.49 -11.21
C HIS A 146 -3.45 -1.23 -10.26
N PHE A 147 -3.43 -0.77 -9.01
CA PHE A 147 -2.61 -1.38 -7.96
C PHE A 147 -2.83 -2.90 -7.92
N ILE A 148 -4.09 -3.31 -7.86
CA ILE A 148 -4.42 -4.73 -7.76
C ILE A 148 -4.04 -5.51 -9.02
N PHE A 149 -4.31 -4.95 -10.19
CA PHE A 149 -3.94 -5.62 -11.44
C PHE A 149 -2.45 -5.90 -11.46
N PHE A 150 -1.66 -4.96 -10.95
CA PHE A 150 -0.21 -5.11 -10.95
C PHE A 150 0.25 -6.20 -9.99
N VAL A 151 -0.29 -6.22 -8.79
CA VAL A 151 0.11 -7.21 -7.80
C VAL A 151 -0.32 -8.61 -8.23
N GLN A 152 -1.51 -8.70 -8.82
CA GLN A 152 -2.01 -9.96 -9.35
C GLN A 152 -1.11 -10.45 -10.48
N GLU A 153 -0.69 -9.52 -11.32
CA GLU A 153 0.17 -9.84 -12.46
C GLU A 153 1.43 -10.56 -12.02
N PHE A 154 2.05 -10.07 -10.95
CA PHE A 154 3.32 -10.62 -10.50
C PHE A 154 3.22 -11.31 -9.13
N ASN A 155 1.99 -11.56 -8.68
CA ASN A 155 1.77 -12.31 -7.45
C ASN A 155 2.58 -11.73 -6.29
N LEU A 156 2.30 -10.48 -5.94
CA LEU A 156 3.15 -9.73 -5.01
C LEU A 156 2.56 -9.60 -3.61
N ILE A 157 1.25 -9.81 -3.50
CA ILE A 157 0.57 -9.82 -2.21
C ILE A 157 -0.28 -11.09 -2.13
N ASP A 158 -0.18 -11.81 -1.03
CA ASP A 158 -0.88 -13.09 -0.91
C ASP A 158 -2.32 -12.86 -0.45
N ARG A 159 -3.18 -13.83 -0.74
CA ARG A 159 -4.62 -13.66 -0.59
C ARG A 159 -5.09 -13.25 0.81
N ARG A 160 -4.45 -13.77 1.85
CA ARG A 160 -4.90 -13.48 3.21
C ARG A 160 -4.67 -12.01 3.59
N GLU A 161 -3.70 -11.37 2.96
CA GLU A 161 -3.47 -9.94 3.16
C GLU A 161 -4.55 -9.14 2.46
N LEU A 162 -5.01 -9.63 1.31
CA LEU A 162 -6.00 -8.93 0.49
C LEU A 162 -7.42 -9.11 1.00
N ALA A 163 -7.59 -9.99 1.99
CA ALA A 163 -8.93 -10.41 2.43
C ALA A 163 -9.88 -9.27 2.78
N PRO A 164 -9.38 -8.18 3.39
CA PRO A 164 -10.31 -7.12 3.79
C PRO A 164 -11.07 -6.48 2.63
N LEU A 165 -10.61 -6.70 1.40
CA LEU A 165 -11.29 -6.16 0.22
C LEU A 165 -11.48 -7.23 -0.85
N GLN A 166 -11.59 -8.48 -0.42
CA GLN A 166 -11.68 -9.60 -1.36
C GLN A 166 -12.89 -9.43 -2.27
N GLU A 167 -13.99 -8.99 -1.68
CA GLU A 167 -15.26 -8.81 -2.38
C GLU A 167 -15.14 -7.70 -3.43
N LEU A 168 -14.49 -6.60 -3.05
CA LEU A 168 -14.25 -5.48 -3.95
C LEU A 168 -13.28 -5.89 -5.06
N ILE A 169 -12.24 -6.63 -4.70
CA ILE A 169 -11.27 -7.12 -5.67
C ILE A 169 -11.95 -8.03 -6.69
N GLU A 170 -12.87 -8.87 -6.23
CA GLU A 170 -13.58 -9.80 -7.11
C GLU A 170 -14.41 -9.06 -8.17
N LYS A 171 -14.86 -7.86 -7.84
CA LYS A 171 -15.68 -7.07 -8.76
C LYS A 171 -14.83 -6.17 -9.67
N LEU A 172 -13.56 -6.50 -9.82
CA LEU A 172 -12.69 -5.77 -10.74
C LEU A 172 -12.64 -6.48 -12.09
N TYR B 1 5.89 -11.79 16.72
CA TYR B 1 4.87 -10.70 16.77
C TYR B 1 4.03 -10.71 15.50
N HIS B 2 2.76 -10.32 15.65
CA HIS B 2 1.85 -10.24 14.52
C HIS B 2 1.30 -8.83 14.38
N VAL B 4 -1.02 -7.90 12.10
CA VAL B 4 -2.45 -7.93 11.80
C VAL B 4 -3.21 -8.75 12.84
N VAL B 5 -4.20 -8.11 13.47
CA VAL B 5 -5.08 -8.78 14.42
C VAL B 5 -6.48 -8.90 13.82
N ARG B 6 -6.95 -10.14 13.66
CA ARG B 6 -8.24 -10.39 13.05
C ARG B 6 -9.32 -10.64 14.09
N TYR B 7 -10.52 -10.13 13.84
CA TYR B 7 -11.65 -10.27 14.76
C TYR B 7 -12.91 -10.72 14.00
N ALA B 8 -13.88 -11.23 14.76
CA ALA B 8 -15.16 -11.66 14.22
C ALA B 8 -16.31 -11.03 15.00
#